data_4GKW
#
_entry.id   4GKW
#
_cell.length_a   140.290
_cell.length_b   140.290
_cell.length_c   74.670
_cell.angle_alpha   90.00
_cell.angle_beta   90.00
_cell.angle_gamma   120.00
#
_symmetry.space_group_name_H-M   'P 61'
#
_entity_poly.entity_id   1
_entity_poly.type   'polypeptide(L)'
_entity_poly.pdbx_seq_one_letter_code
;GSHMLVEDKEDEVADLKQDTESLQKQLEENQEELEIVGNMLREEQGKVDQLQKRNVAHQKEIGKLRAELGTAQRNLEKAD
QLLKRNSQQQNQQSLDMRKLGELEADLKEKDSMVESLTETIGILRKELENEKLKAAENMDSFEKLSMENENLKEKIAHYR
AQRFSPA
;
_entity_poly.pdbx_strand_id   A,B
#
# COMPACT_ATOMS: atom_id res chain seq x y z
N GLU A 7 -107.99 48.71 -16.90
CA GLU A 7 -106.78 49.19 -17.62
C GLU A 7 -105.49 48.87 -16.85
N ASP A 8 -105.63 48.17 -15.72
CA ASP A 8 -104.47 47.81 -14.91
C ASP A 8 -104.29 46.28 -14.85
N LYS A 9 -105.40 45.55 -14.92
CA LYS A 9 -105.35 44.09 -14.90
C LYS A 9 -104.62 43.58 -16.15
N GLU A 10 -104.57 44.41 -17.18
CA GLU A 10 -103.92 44.06 -18.45
C GLU A 10 -102.41 44.38 -18.40
N ASP A 11 -102.06 45.48 -17.74
CA ASP A 11 -100.67 45.90 -17.62
C ASP A 11 -100.14 45.52 -16.24
N GLU A 12 -100.34 44.26 -15.87
CA GLU A 12 -99.87 43.76 -14.60
C GLU A 12 -98.89 42.62 -14.80
N VAL A 13 -99.38 41.53 -15.37
CA VAL A 13 -98.55 40.37 -15.65
C VAL A 13 -97.43 40.82 -16.57
N ALA A 14 -97.58 42.00 -17.15
CA ALA A 14 -96.57 42.56 -18.04
C ALA A 14 -95.37 43.05 -17.21
N ASP A 15 -95.65 43.48 -15.98
CA ASP A 15 -94.62 43.98 -15.06
C ASP A 15 -93.85 42.86 -14.39
N LEU A 16 -94.52 41.75 -14.11
CA LEU A 16 -93.86 40.61 -13.49
C LEU A 16 -92.89 40.00 -14.49
N LYS A 17 -93.16 40.18 -15.77
CA LYS A 17 -92.28 39.67 -16.81
C LYS A 17 -90.89 40.19 -16.55
N GLN A 18 -90.75 41.51 -16.53
CA GLN A 18 -89.45 42.13 -16.28
C GLN A 18 -88.80 41.55 -15.04
N ASP A 19 -89.58 41.41 -13.98
CA ASP A 19 -89.06 40.86 -12.74
C ASP A 19 -88.49 39.45 -13.00
N THR A 20 -89.03 38.77 -14.02
CA THR A 20 -88.54 37.45 -14.40
C THR A 20 -87.52 37.51 -15.54
N GLU A 21 -87.50 38.60 -16.28
CA GLU A 21 -86.53 38.72 -17.36
C GLU A 21 -85.20 38.86 -16.67
N SER A 22 -85.09 39.88 -15.82
CA SER A 22 -83.87 40.14 -15.09
C SER A 22 -83.41 38.91 -14.31
N LEU A 23 -84.34 38.16 -13.75
CA LEU A 23 -83.97 36.97 -12.99
C LEU A 23 -83.38 35.87 -13.86
N GLN A 24 -84.10 35.45 -14.90
CA GLN A 24 -83.60 34.36 -15.77
C GLN A 24 -82.25 34.64 -16.37
N LYS A 25 -81.91 35.91 -16.49
CA LYS A 25 -80.61 36.27 -17.03
C LYS A 25 -79.58 35.88 -15.98
N GLN A 26 -79.79 36.36 -14.76
CA GLN A 26 -78.88 36.11 -13.66
C GLN A 26 -78.58 34.63 -13.46
N LEU A 27 -79.60 33.79 -13.34
CA LEU A 27 -79.34 32.37 -13.14
C LEU A 27 -78.55 31.81 -14.30
N GLU A 28 -78.63 32.46 -15.43
CA GLU A 28 -77.88 32.00 -16.58
C GLU A 28 -76.46 32.54 -16.50
N GLU A 29 -76.29 33.86 -16.64
CA GLU A 29 -74.97 34.48 -16.59
C GLU A 29 -74.18 33.93 -15.42
N ASN A 30 -74.91 33.56 -14.36
CA ASN A 30 -74.30 33.03 -13.14
C ASN A 30 -73.77 31.63 -13.29
N GLN A 31 -74.54 30.75 -13.93
CA GLN A 31 -74.08 29.38 -14.13
C GLN A 31 -72.86 29.36 -15.02
N GLU A 32 -72.64 30.43 -15.76
CA GLU A 32 -71.46 30.49 -16.60
C GLU A 32 -70.25 30.70 -15.68
N GLU A 33 -70.40 31.54 -14.65
CA GLU A 33 -69.32 31.77 -13.69
C GLU A 33 -69.07 30.44 -12.97
N LEU A 34 -70.14 29.81 -12.50
CA LEU A 34 -70.01 28.53 -11.79
C LEU A 34 -69.49 27.43 -12.67
N GLU A 35 -69.68 27.56 -13.97
CA GLU A 35 -69.20 26.53 -14.89
C GLU A 35 -67.68 26.59 -14.90
N ILE A 36 -67.18 27.78 -15.21
CA ILE A 36 -65.75 28.03 -15.30
C ILE A 36 -65.07 27.78 -13.95
N VAL A 37 -65.39 28.64 -13.00
CA VAL A 37 -64.85 28.55 -11.65
C VAL A 37 -64.83 27.10 -11.11
N GLY A 38 -65.74 26.27 -11.59
CA GLY A 38 -65.79 24.88 -11.14
C GLY A 38 -64.65 24.13 -11.81
N ASN A 39 -64.37 24.51 -13.05
CA ASN A 39 -63.31 23.90 -13.83
C ASN A 39 -61.96 24.39 -13.33
N MET A 40 -61.86 25.69 -13.07
CA MET A 40 -60.61 26.24 -12.57
C MET A 40 -60.22 25.45 -11.34
N LEU A 41 -61.19 25.17 -10.47
CA LEU A 41 -60.91 24.42 -9.26
C LEU A 41 -60.31 23.07 -9.57
N ARG A 42 -61.04 22.26 -10.31
CA ARG A 42 -60.57 20.91 -10.64
C ARG A 42 -59.21 20.97 -11.31
N GLU A 43 -59.02 21.91 -12.23
CA GLU A 43 -57.74 21.99 -12.91
C GLU A 43 -56.58 22.25 -11.96
N GLU A 44 -56.87 22.85 -10.81
CA GLU A 44 -55.84 23.12 -9.82
C GLU A 44 -55.62 21.87 -9.01
N GLN A 45 -56.71 21.21 -8.63
CA GLN A 45 -56.60 19.98 -7.88
C GLN A 45 -55.82 18.97 -8.73
N GLY A 46 -55.84 19.16 -10.04
CA GLY A 46 -55.11 18.27 -10.91
C GLY A 46 -53.65 18.59 -10.70
N LYS A 47 -53.34 19.88 -10.81
CA LYS A 47 -51.98 20.36 -10.62
C LYS A 47 -51.46 19.96 -9.25
N VAL A 48 -52.29 20.06 -8.21
CA VAL A 48 -51.85 19.68 -6.87
C VAL A 48 -51.50 18.20 -6.79
N ASP A 49 -52.50 17.34 -6.84
CA ASP A 49 -52.27 15.90 -6.73
C ASP A 49 -50.96 15.48 -7.35
N GLN A 50 -50.70 15.92 -8.58
CA GLN A 50 -49.45 15.57 -9.26
C GLN A 50 -48.17 16.14 -8.67
N LEU A 51 -48.17 17.42 -8.30
CA LEU A 51 -46.98 17.99 -7.69
C LEU A 51 -46.75 17.21 -6.41
N GLN A 52 -47.81 16.73 -5.77
CA GLN A 52 -47.69 15.95 -4.54
C GLN A 52 -46.88 14.70 -4.81
N LYS A 53 -46.87 14.31 -6.07
CA LYS A 53 -46.16 13.13 -6.54
C LYS A 53 -44.67 13.35 -6.83
N ARG A 54 -44.35 14.23 -7.77
CA ARG A 54 -42.94 14.50 -8.09
C ARG A 54 -42.19 14.72 -6.80
N ASN A 55 -42.87 15.31 -5.83
CA ASN A 55 -42.25 15.57 -4.55
C ASN A 55 -41.93 14.31 -3.80
N VAL A 56 -42.83 13.34 -3.85
CA VAL A 56 -42.57 12.07 -3.18
C VAL A 56 -41.54 11.32 -4.04
N ALA A 57 -41.51 11.62 -5.34
CA ALA A 57 -40.54 11.01 -6.26
C ALA A 57 -39.17 11.47 -5.83
N HIS A 58 -38.96 12.78 -5.83
CA HIS A 58 -37.70 13.36 -5.43
C HIS A 58 -37.29 12.87 -4.05
N GLN A 59 -38.12 13.15 -3.06
CA GLN A 59 -37.84 12.78 -1.67
C GLN A 59 -37.40 11.34 -1.49
N LYS A 60 -37.99 10.43 -2.26
CA LYS A 60 -37.63 9.03 -2.15
C LYS A 60 -36.28 8.81 -2.83
N GLU A 61 -36.13 9.41 -4.01
CA GLU A 61 -34.92 9.30 -4.77
C GLU A 61 -33.78 10.14 -4.16
N ILE A 62 -34.10 10.93 -3.14
CA ILE A 62 -33.09 11.72 -2.46
C ILE A 62 -32.51 10.81 -1.40
N GLY A 63 -33.28 9.77 -1.06
CA GLY A 63 -32.86 8.80 -0.08
C GLY A 63 -31.90 7.79 -0.68
N LYS A 64 -32.02 7.57 -1.99
CA LYS A 64 -31.15 6.67 -2.73
C LYS A 64 -29.79 7.34 -2.83
N LEU A 65 -29.74 8.53 -3.41
CA LEU A 65 -28.48 9.24 -3.51
C LEU A 65 -27.84 9.40 -2.14
N ARG A 66 -28.66 9.41 -1.08
CA ARG A 66 -28.13 9.55 0.28
C ARG A 66 -27.29 8.33 0.66
N ALA A 67 -27.72 7.15 0.21
CA ALA A 67 -26.99 5.92 0.51
C ALA A 67 -25.83 5.73 -0.46
N GLU A 68 -26.05 6.06 -1.73
CA GLU A 68 -24.99 5.94 -2.73
C GLU A 68 -23.83 6.80 -2.32
N LEU A 69 -24.13 7.88 -1.62
CA LEU A 69 -23.09 8.78 -1.15
C LEU A 69 -22.43 8.13 0.06
N GLY A 70 -23.26 7.60 0.95
CA GLY A 70 -22.77 6.94 2.15
C GLY A 70 -21.67 5.92 1.87
N THR A 71 -22.03 4.81 1.22
CA THR A 71 -21.03 3.80 0.90
C THR A 71 -19.90 4.45 0.11
N ALA A 72 -20.20 5.03 -1.06
CA ALA A 72 -19.18 5.68 -1.89
C ALA A 72 -18.19 6.54 -1.09
N GLN A 73 -18.51 6.80 0.18
CA GLN A 73 -17.64 7.56 1.07
C GLN A 73 -16.88 6.57 1.95
N ARG A 74 -17.58 5.58 2.49
CA ARG A 74 -16.93 4.56 3.34
C ARG A 74 -15.83 3.92 2.50
N ASN A 75 -16.08 3.82 1.20
CA ASN A 75 -15.14 3.25 0.24
C ASN A 75 -13.94 4.17 0.08
N LEU A 76 -14.19 5.47 0.01
CA LEU A 76 -13.11 6.43 -0.12
C LEU A 76 -12.26 6.37 1.15
N GLU A 77 -12.86 5.97 2.26
CA GLU A 77 -12.10 5.85 3.51
C GLU A 77 -11.56 4.44 3.68
N LYS A 78 -12.35 3.46 3.26
CA LYS A 78 -11.94 2.05 3.37
C LYS A 78 -10.70 1.79 2.52
N ALA A 79 -10.55 2.55 1.45
CA ALA A 79 -9.40 2.44 0.55
C ALA A 79 -8.30 3.40 0.99
N ASP A 80 -8.63 4.28 1.93
CA ASP A 80 -7.63 5.22 2.44
C ASP A 80 -6.84 4.65 3.60
N GLN A 81 -7.41 3.73 4.36
CA GLN A 81 -6.67 3.10 5.45
C GLN A 81 -5.53 2.36 4.75
N LEU A 82 -5.87 1.74 3.60
CA LEU A 82 -4.92 0.99 2.78
C LEU A 82 -3.81 1.87 2.19
N LEU A 83 -3.96 3.19 2.27
CA LEU A 83 -2.90 4.06 1.79
C LEU A 83 -1.97 4.38 2.95
N LYS A 84 -2.35 3.95 4.15
CA LYS A 84 -1.52 4.16 5.33
C LYS A 84 -0.60 2.95 5.52
N ARG A 85 -1.04 1.81 4.96
CA ARG A 85 -0.28 0.57 5.01
C ARG A 85 0.70 0.49 3.85
N ASN A 86 0.25 0.94 2.68
CA ASN A 86 1.11 0.93 1.50
C ASN A 86 2.25 1.91 1.74
N SER A 87 2.01 2.90 2.59
CA SER A 87 3.02 3.90 2.91
C SER A 87 4.02 3.44 3.95
N GLN A 88 3.54 2.78 5.00
CA GLN A 88 4.42 2.30 6.06
C GLN A 88 5.37 1.21 5.60
N GLN A 89 5.08 0.59 4.47
CA GLN A 89 5.94 -0.44 3.93
C GLN A 89 7.13 0.25 3.26
N GLN A 90 7.05 1.56 3.18
CA GLN A 90 8.13 2.36 2.62
C GLN A 90 9.11 2.60 3.75
N ASN A 91 8.64 2.37 4.97
CA ASN A 91 9.45 2.52 6.19
C ASN A 91 10.35 1.30 6.34
N GLN A 92 9.78 0.12 6.12
CA GLN A 92 10.50 -1.15 6.21
C GLN A 92 11.30 -1.42 4.93
N GLN A 93 10.79 -0.93 3.79
CA GLN A 93 11.44 -1.12 2.50
C GLN A 93 12.64 -0.20 2.36
N SER A 94 12.63 0.89 3.12
CA SER A 94 13.73 1.85 3.12
C SER A 94 14.81 1.29 4.02
N LEU A 95 14.41 0.74 5.17
CA LEU A 95 15.35 0.14 6.12
C LEU A 95 15.99 -1.10 5.50
N ASP A 96 15.29 -1.70 4.53
CA ASP A 96 15.79 -2.88 3.85
C ASP A 96 16.75 -2.50 2.72
N MET A 97 16.51 -1.35 2.09
CA MET A 97 17.38 -0.88 1.01
C MET A 97 18.64 -0.20 1.53
N ARG A 98 18.60 0.26 2.78
CA ARG A 98 19.75 0.92 3.40
C ARG A 98 20.56 -0.01 4.31
N LYS A 99 19.87 -0.92 5.00
CA LYS A 99 20.55 -1.87 5.88
C LYS A 99 20.99 -3.13 5.14
N LEU A 100 20.55 -3.31 3.91
CA LEU A 100 20.95 -4.45 3.10
C LEU A 100 22.30 -4.04 2.51
N GLY A 101 22.47 -2.74 2.33
CA GLY A 101 23.70 -2.21 1.80
C GLY A 101 24.86 -2.39 2.77
N GLU A 102 24.56 -2.37 4.06
CA GLU A 102 25.62 -2.55 5.07
C GLU A 102 26.19 -3.95 4.86
N LEU A 103 25.31 -4.86 4.41
CA LEU A 103 25.68 -6.24 4.15
C LEU A 103 26.56 -6.40 2.93
N GLU A 104 26.20 -5.78 1.81
CA GLU A 104 27.03 -5.87 0.61
C GLU A 104 28.36 -5.16 0.90
N ALA A 105 28.34 -4.33 1.95
CA ALA A 105 29.51 -3.60 2.39
C ALA A 105 30.33 -4.49 3.33
N ASP A 106 29.64 -5.31 4.13
CA ASP A 106 30.30 -6.23 5.05
C ASP A 106 30.81 -7.45 4.27
N LEU A 107 30.61 -7.41 2.95
CA LEU A 107 31.07 -8.48 2.06
C LEU A 107 32.53 -8.16 1.74
N LYS A 108 32.83 -6.89 1.49
CA LYS A 108 34.18 -6.44 1.19
C LYS A 108 35.12 -6.55 2.41
N GLU A 109 34.55 -6.81 3.59
CA GLU A 109 35.34 -6.97 4.81
C GLU A 109 35.90 -8.38 4.81
N LYS A 110 35.06 -9.32 4.39
CA LYS A 110 35.45 -10.71 4.30
C LYS A 110 36.16 -10.89 2.96
N ASP A 111 35.84 -10.02 2.02
CA ASP A 111 36.46 -10.06 0.70
C ASP A 111 37.95 -9.73 0.85
N SER A 112 38.24 -8.65 1.56
CA SER A 112 39.62 -8.24 1.78
C SER A 112 40.35 -9.20 2.72
N MET A 113 39.58 -9.93 3.53
CA MET A 113 40.13 -10.90 4.47
C MET A 113 40.67 -12.16 3.81
N VAL A 114 39.85 -12.77 2.97
CA VAL A 114 40.24 -13.99 2.24
C VAL A 114 41.37 -13.71 1.25
N GLU A 115 41.60 -12.44 0.94
CA GLU A 115 42.66 -12.03 0.02
C GLU A 115 43.91 -11.68 0.84
N SER A 116 43.69 -11.28 2.08
CA SER A 116 44.76 -10.91 2.99
C SER A 116 45.37 -12.13 3.66
N LEU A 117 44.56 -13.18 3.83
CA LEU A 117 45.03 -14.40 4.44
C LEU A 117 45.82 -15.23 3.45
N THR A 118 45.41 -15.22 2.18
CA THR A 118 46.13 -15.98 1.16
C THR A 118 47.49 -15.33 0.93
N GLU A 119 47.69 -14.15 1.52
CA GLU A 119 48.96 -13.44 1.43
C GLU A 119 49.90 -14.14 2.41
N THR A 120 49.46 -14.20 3.67
CA THR A 120 50.25 -14.82 4.72
C THR A 120 50.40 -16.33 4.51
N ILE A 121 49.46 -16.95 3.79
CA ILE A 121 49.54 -18.38 3.50
C ILE A 121 50.54 -18.61 2.37
N GLY A 122 50.62 -17.63 1.46
CA GLY A 122 51.54 -17.72 0.35
C GLY A 122 52.97 -17.54 0.83
N ILE A 123 53.15 -16.61 1.77
CA ILE A 123 54.46 -16.30 2.34
C ILE A 123 55.03 -17.46 3.16
N LEU A 124 54.27 -17.95 4.13
CA LEU A 124 54.71 -19.07 4.97
C LEU A 124 55.01 -20.28 4.10
N ARG A 125 54.25 -20.47 3.04
CA ARG A 125 54.48 -21.60 2.17
C ARG A 125 55.83 -21.44 1.46
N LYS A 126 56.25 -20.20 1.22
CA LYS A 126 57.53 -19.92 0.56
C LYS A 126 58.70 -19.95 1.54
N GLU A 127 58.44 -19.55 2.80
CA GLU A 127 59.48 -19.54 3.84
C GLU A 127 59.63 -20.95 4.36
N LEU A 128 58.60 -21.75 4.16
CA LEU A 128 58.64 -23.13 4.58
C LEU A 128 59.56 -23.80 3.60
N GLU A 129 59.59 -23.30 2.36
CA GLU A 129 60.44 -23.87 1.31
C GLU A 129 61.93 -23.61 1.51
N ASN A 130 62.26 -22.49 2.14
CA ASN A 130 63.66 -22.12 2.40
C ASN A 130 64.19 -22.81 3.64
N GLU A 131 63.37 -22.92 4.68
CA GLU A 131 63.77 -23.62 5.89
C GLU A 131 64.07 -25.05 5.47
N LYS A 132 63.44 -25.47 4.38
CA LYS A 132 63.61 -26.81 3.84
C LYS A 132 64.85 -26.89 2.95
N LEU A 133 65.13 -25.81 2.21
CA LEU A 133 66.30 -25.78 1.35
C LEU A 133 67.52 -25.70 2.25
N LYS A 134 67.40 -24.93 3.33
CA LYS A 134 68.51 -24.78 4.26
C LYS A 134 68.79 -26.12 4.90
N ALA A 135 67.84 -26.66 5.64
CA ALA A 135 68.03 -27.94 6.32
C ALA A 135 68.49 -29.03 5.36
N ALA A 136 68.48 -28.74 4.07
CA ALA A 136 68.92 -29.71 3.08
C ALA A 136 70.43 -29.64 2.89
N GLU A 137 71.03 -28.50 3.25
CA GLU A 137 72.47 -28.31 3.17
C GLU A 137 73.07 -28.95 4.40
N ASN A 138 72.58 -28.52 5.56
CA ASN A 138 73.07 -29.05 6.81
C ASN A 138 73.08 -30.57 6.81
N MET A 139 72.12 -31.16 6.12
CA MET A 139 72.03 -32.60 6.03
C MET A 139 73.18 -33.10 5.19
N ASP A 140 73.65 -32.25 4.30
CA ASP A 140 74.72 -32.59 3.39
C ASP A 140 76.11 -32.36 3.94
N SER A 141 76.34 -31.22 4.57
CA SER A 141 77.64 -30.89 5.14
C SER A 141 77.90 -31.75 6.38
N PHE A 142 76.84 -32.40 6.83
CA PHE A 142 76.93 -33.27 7.97
C PHE A 142 77.38 -34.62 7.43
N GLU A 143 76.75 -35.07 6.36
CA GLU A 143 77.12 -36.35 5.75
C GLU A 143 78.59 -36.33 5.37
N LYS A 144 79.08 -35.17 4.93
CA LYS A 144 80.48 -35.03 4.55
C LYS A 144 81.30 -35.36 5.77
N LEU A 145 80.95 -34.71 6.87
CA LEU A 145 81.61 -34.88 8.15
C LEU A 145 81.59 -36.31 8.61
N SER A 146 80.40 -36.85 8.79
CA SER A 146 80.28 -38.23 9.20
C SER A 146 81.18 -39.08 8.35
N MET A 147 81.26 -38.75 7.07
CA MET A 147 82.10 -39.50 6.14
C MET A 147 83.57 -39.22 6.34
N GLU A 148 83.89 -38.18 7.08
CA GLU A 148 85.28 -37.83 7.36
C GLU A 148 85.77 -38.53 8.59
N ASN A 149 84.99 -38.47 9.65
CA ASN A 149 85.38 -39.14 10.88
C ASN A 149 85.48 -40.63 10.58
N GLU A 150 84.44 -41.16 9.98
CA GLU A 150 84.42 -42.56 9.66
C GLU A 150 85.71 -42.90 8.93
N ASN A 151 86.18 -41.95 8.12
CA ASN A 151 87.38 -42.13 7.32
C ASN A 151 88.69 -42.06 8.12
N LEU A 152 88.70 -41.22 9.14
CA LEU A 152 89.84 -41.01 10.04
C LEU A 152 89.96 -42.15 11.04
N LYS A 153 88.86 -42.55 11.66
CA LYS A 153 88.93 -43.65 12.60
C LYS A 153 89.71 -44.75 11.93
N GLU A 154 89.43 -44.98 10.65
CA GLU A 154 90.07 -46.02 9.90
C GLU A 154 91.54 -45.77 9.74
N LYS A 155 91.91 -44.55 9.36
CA LYS A 155 93.33 -44.19 9.22
C LYS A 155 93.98 -44.47 10.58
N ILE A 156 93.35 -43.99 11.65
CA ILE A 156 93.87 -44.20 13.00
C ILE A 156 94.06 -45.67 13.32
N ALA A 157 93.02 -46.48 13.10
CA ALA A 157 93.08 -47.90 13.40
C ALA A 157 94.18 -48.64 12.65
N HIS A 158 94.70 -48.06 11.59
CA HIS A 158 95.77 -48.72 10.85
C HIS A 158 97.05 -48.47 11.63
N TYR A 159 97.16 -47.27 12.20
CA TYR A 159 98.33 -46.91 13.01
C TYR A 159 98.37 -47.76 14.26
N ARG A 160 97.24 -47.86 14.95
CA ARG A 160 97.17 -48.68 16.14
C ARG A 160 97.80 -50.04 15.87
N ALA A 161 98.05 -50.37 14.60
CA ALA A 161 98.71 -51.62 14.24
C ALA A 161 100.22 -51.38 14.39
N GLN A 162 100.62 -51.29 15.66
CA GLN A 162 101.99 -51.08 16.12
C GLN A 162 102.01 -51.51 17.58
N ARG A 163 101.09 -52.42 17.89
CA ARG A 163 100.88 -53.04 19.20
C ARG A 163 100.54 -54.49 18.84
N PHE A 164 99.56 -54.64 17.94
CA PHE A 164 99.13 -55.95 17.46
C PHE A 164 98.43 -56.74 18.56
N GLU B 7 -108.78 37.45 -18.78
CA GLU B 7 -109.34 38.75 -18.30
C GLU B 7 -110.67 38.58 -17.58
N ASP B 8 -110.81 37.47 -16.83
CA ASP B 8 -112.05 37.19 -16.09
C ASP B 8 -111.76 36.92 -14.62
N LYS B 9 -111.88 37.96 -13.79
CA LYS B 9 -111.67 37.91 -12.34
C LYS B 9 -110.24 37.51 -11.95
N GLU B 10 -109.87 36.25 -12.18
CA GLU B 10 -108.52 35.78 -11.88
C GLU B 10 -107.90 34.87 -12.93
N ASP B 11 -106.74 35.31 -13.43
CA ASP B 11 -106.01 34.60 -14.48
C ASP B 11 -104.49 34.59 -14.18
N GLU B 12 -103.96 33.42 -13.80
CA GLU B 12 -102.54 33.25 -13.49
C GLU B 12 -102.14 34.12 -12.29
N VAL B 13 -102.98 34.06 -11.26
CA VAL B 13 -102.83 34.81 -10.01
C VAL B 13 -101.40 34.86 -9.47
N ALA B 14 -101.11 33.90 -8.59
CA ALA B 14 -99.83 33.76 -7.95
C ALA B 14 -98.87 32.92 -8.78
N ASP B 15 -99.39 32.27 -9.81
CA ASP B 15 -98.56 31.43 -10.68
C ASP B 15 -97.34 32.18 -11.21
N LEU B 16 -97.48 33.49 -11.39
CA LEU B 16 -96.38 34.32 -11.85
C LEU B 16 -95.64 34.88 -10.66
N LYS B 17 -96.38 35.28 -9.61
CA LYS B 17 -95.79 35.85 -8.40
C LYS B 17 -94.93 34.86 -7.58
N GLN B 18 -95.52 33.76 -7.14
CA GLN B 18 -94.81 32.77 -6.34
C GLN B 18 -93.83 31.95 -7.17
N ASP B 19 -93.83 32.20 -8.48
CA ASP B 19 -92.94 31.49 -9.41
C ASP B 19 -91.60 32.19 -9.64
N THR B 20 -91.59 33.52 -9.61
CA THR B 20 -90.36 34.26 -9.78
C THR B 20 -89.51 33.96 -8.55
N GLU B 21 -90.17 33.55 -7.46
CA GLU B 21 -89.44 33.21 -6.24
C GLU B 21 -88.68 31.91 -6.49
N SER B 22 -89.25 31.06 -7.33
CA SER B 22 -88.60 29.80 -7.69
C SER B 22 -87.28 30.20 -8.32
N LEU B 23 -87.40 30.72 -9.53
CA LEU B 23 -86.28 31.19 -10.33
C LEU B 23 -85.38 32.10 -9.50
N GLN B 24 -85.92 32.74 -8.48
CA GLN B 24 -85.11 33.62 -7.63
C GLN B 24 -84.30 32.82 -6.61
N LYS B 25 -84.89 31.75 -6.11
CA LYS B 25 -84.23 30.90 -5.11
C LYS B 25 -83.12 30.04 -5.68
N GLN B 26 -83.29 29.58 -6.91
CA GLN B 26 -82.27 28.77 -7.59
C GLN B 26 -81.04 29.68 -7.70
N LEU B 27 -81.31 30.96 -7.94
CA LEU B 27 -80.30 31.99 -8.06
C LEU B 27 -79.59 32.12 -6.72
N GLU B 28 -80.34 31.94 -5.65
CA GLU B 28 -79.81 32.04 -4.30
C GLU B 28 -78.72 31.01 -4.09
N GLU B 29 -78.86 29.87 -4.76
CA GLU B 29 -77.90 28.76 -4.68
C GLU B 29 -76.66 28.94 -5.54
N ASN B 30 -76.85 28.96 -6.85
CA ASN B 30 -75.74 29.14 -7.77
C ASN B 30 -74.81 30.24 -7.33
N GLN B 31 -75.30 31.14 -6.48
CA GLN B 31 -74.47 32.22 -5.96
C GLN B 31 -73.74 31.77 -4.70
N GLU B 32 -74.34 30.84 -3.97
CA GLU B 32 -73.72 30.30 -2.77
C GLU B 32 -72.62 29.37 -3.25
N GLU B 33 -73.03 28.30 -3.92
CA GLU B 33 -72.08 27.32 -4.45
C GLU B 33 -70.89 27.97 -5.18
N LEU B 34 -71.17 28.98 -5.99
CA LEU B 34 -70.12 29.66 -6.72
C LEU B 34 -69.12 30.24 -5.73
N GLU B 35 -69.56 30.39 -4.47
CA GLU B 35 -68.69 30.89 -3.42
C GLU B 35 -67.85 29.75 -2.87
N ILE B 36 -68.50 28.61 -2.65
CA ILE B 36 -67.86 27.41 -2.13
C ILE B 36 -66.71 27.01 -3.07
N VAL B 37 -67.03 26.83 -4.34
CA VAL B 37 -66.04 26.49 -5.33
C VAL B 37 -65.00 27.62 -5.44
N GLY B 38 -65.43 28.84 -5.17
CA GLY B 38 -64.51 29.97 -5.23
C GLY B 38 -63.40 29.80 -4.21
N ASN B 39 -63.76 29.34 -3.01
CA ASN B 39 -62.80 29.12 -1.93
C ASN B 39 -61.90 27.93 -2.22
N MET B 40 -62.53 26.77 -2.40
CA MET B 40 -61.78 25.56 -2.70
C MET B 40 -60.70 25.97 -3.68
N LEU B 41 -61.08 26.69 -4.72
CA LEU B 41 -60.08 27.09 -5.70
C LEU B 41 -59.01 27.91 -5.03
N ARG B 42 -59.37 28.88 -4.22
CA ARG B 42 -58.33 29.70 -3.62
C ARG B 42 -57.31 28.87 -2.85
N GLU B 43 -57.78 27.83 -2.17
CA GLU B 43 -56.88 26.99 -1.40
C GLU B 43 -56.13 25.95 -2.22
N GLU B 44 -56.81 25.30 -3.17
CA GLU B 44 -56.15 24.30 -4.01
C GLU B 44 -55.02 24.95 -4.79
N GLN B 45 -55.19 26.22 -5.13
CA GLN B 45 -54.15 26.92 -5.83
C GLN B 45 -53.19 27.37 -4.73
N GLY B 46 -53.68 27.29 -3.50
CA GLY B 46 -52.87 27.65 -2.36
C GLY B 46 -51.85 26.54 -2.13
N LYS B 47 -52.31 25.30 -2.25
CA LYS B 47 -51.48 24.11 -2.09
C LYS B 47 -50.36 24.18 -3.12
N VAL B 48 -50.75 24.31 -4.37
CA VAL B 48 -49.78 24.38 -5.43
C VAL B 48 -48.66 25.40 -5.15
N ASP B 49 -48.93 26.39 -4.30
CA ASP B 49 -47.92 27.40 -3.98
C ASP B 49 -46.88 26.71 -3.15
N GLN B 50 -47.34 25.98 -2.13
CA GLN B 50 -46.47 25.17 -1.22
C GLN B 50 -45.76 23.90 -1.76
N LEU B 51 -46.49 23.05 -2.47
CA LEU B 51 -45.92 21.97 -3.25
C LEU B 51 -44.94 22.45 -4.30
N GLN B 52 -45.26 23.55 -4.98
CA GLN B 52 -44.39 24.06 -6.03
C GLN B 52 -43.05 24.51 -5.46
N LYS B 53 -43.09 24.95 -4.21
CA LYS B 53 -41.89 25.41 -3.48
C LYS B 53 -41.05 24.20 -3.07
N ARG B 54 -41.65 23.30 -2.28
CA ARG B 54 -41.00 22.09 -1.81
C ARG B 54 -40.32 21.46 -3.03
N ASN B 55 -41.04 21.35 -4.14
CA ASN B 55 -40.50 20.75 -5.35
C ASN B 55 -39.13 21.26 -5.76
N VAL B 56 -38.74 22.44 -5.33
CA VAL B 56 -37.41 22.89 -5.71
C VAL B 56 -36.47 22.75 -4.53
N ALA B 57 -37.04 22.70 -3.32
CA ALA B 57 -36.25 22.51 -2.11
C ALA B 57 -35.54 21.18 -2.32
N HIS B 58 -36.23 20.30 -3.05
CA HIS B 58 -35.73 18.98 -3.42
C HIS B 58 -34.87 19.12 -4.68
N GLN B 59 -35.16 20.13 -5.48
CA GLN B 59 -34.38 20.38 -6.69
C GLN B 59 -32.97 20.69 -6.21
N LYS B 60 -32.90 21.36 -5.05
CA LYS B 60 -31.63 21.71 -4.42
C LYS B 60 -30.99 20.49 -3.72
N GLU B 61 -31.63 19.96 -2.67
CA GLU B 61 -31.07 18.80 -1.95
C GLU B 61 -30.50 17.81 -2.93
N ILE B 62 -31.28 17.46 -3.95
CA ILE B 62 -30.84 16.51 -4.96
C ILE B 62 -29.72 17.06 -5.79
N GLY B 63 -29.58 18.38 -5.82
CA GLY B 63 -28.50 18.98 -6.57
C GLY B 63 -27.18 18.67 -5.87
N LYS B 64 -27.06 19.12 -4.61
CA LYS B 64 -25.87 18.92 -3.79
C LYS B 64 -25.32 17.51 -3.99
N LEU B 65 -26.16 16.52 -3.70
CA LEU B 65 -25.81 15.11 -3.81
C LEU B 65 -25.21 14.68 -5.15
N ARG B 66 -25.48 15.41 -6.22
CA ARG B 66 -24.90 15.03 -7.51
C ARG B 66 -23.42 15.45 -7.60
N ALA B 67 -23.04 16.42 -6.77
CA ALA B 67 -21.67 16.93 -6.71
C ALA B 67 -20.85 16.07 -5.74
N GLU B 68 -21.46 15.75 -4.60
CA GLU B 68 -20.83 14.96 -3.57
C GLU B 68 -20.63 13.49 -3.97
N LEU B 69 -21.62 12.86 -4.60
CA LEU B 69 -21.47 11.46 -5.01
C LEU B 69 -20.59 11.40 -6.26
N GLY B 70 -20.22 12.56 -6.77
CA GLY B 70 -19.37 12.60 -7.95
C GLY B 70 -17.93 12.74 -7.51
N THR B 71 -17.67 13.76 -6.69
CA THR B 71 -16.36 14.03 -6.16
C THR B 71 -15.88 12.80 -5.36
N ALA B 72 -16.78 12.18 -4.60
CA ALA B 72 -16.47 11.00 -3.80
C ALA B 72 -16.33 9.69 -4.58
N GLN B 73 -16.84 9.65 -5.80
CA GLN B 73 -16.74 8.43 -6.60
C GLN B 73 -15.53 8.49 -7.54
N ARG B 74 -15.15 9.69 -7.96
CA ARG B 74 -13.99 9.88 -8.83
C ARG B 74 -12.76 10.03 -7.92
N ASN B 75 -13.01 10.36 -6.65
CA ASN B 75 -11.95 10.51 -5.65
C ASN B 75 -11.53 9.12 -5.16
N LEU B 76 -12.44 8.15 -5.29
CA LEU B 76 -12.17 6.77 -4.92
C LEU B 76 -11.27 6.21 -6.04
N GLU B 77 -11.20 6.95 -7.15
CA GLU B 77 -10.35 6.58 -8.29
C GLU B 77 -9.05 7.37 -8.17
N LYS B 78 -9.16 8.62 -7.73
CA LYS B 78 -8.01 9.51 -7.55
C LYS B 78 -7.00 8.90 -6.57
N ALA B 79 -7.52 8.34 -5.48
CA ALA B 79 -6.70 7.70 -4.47
C ALA B 79 -6.60 6.18 -4.69
N ASP B 80 -7.14 5.68 -5.80
CA ASP B 80 -7.08 4.25 -6.10
C ASP B 80 -5.90 3.93 -7.02
N GLN B 81 -5.35 4.94 -7.69
CA GLN B 81 -4.19 4.75 -8.57
C GLN B 81 -2.98 4.56 -7.67
N LEU B 82 -3.10 5.07 -6.44
CA LEU B 82 -2.06 4.97 -5.44
C LEU B 82 -2.01 3.54 -4.87
N LEU B 83 -3.16 2.88 -4.87
CA LEU B 83 -3.25 1.49 -4.41
C LEU B 83 -2.87 0.55 -5.57
N LYS B 84 -2.58 1.15 -6.72
CA LYS B 84 -2.16 0.42 -7.91
C LYS B 84 -0.65 0.30 -7.89
N ARG B 85 -0.02 1.10 -7.02
CA ARG B 85 1.43 1.09 -6.85
C ARG B 85 1.82 -0.05 -5.92
N ASN B 86 0.84 -0.90 -5.58
CA ASN B 86 1.05 -2.07 -4.74
C ASN B 86 1.68 -3.21 -5.54
N SER B 87 1.93 -2.93 -6.82
CA SER B 87 2.59 -3.88 -7.73
C SER B 87 4.08 -3.51 -7.83
N GLN B 88 4.40 -2.24 -7.60
CA GLN B 88 5.77 -1.75 -7.60
C GLN B 88 6.36 -1.88 -6.20
N GLN B 89 5.47 -1.85 -5.21
CA GLN B 89 5.81 -1.95 -3.80
C GLN B 89 5.92 -3.42 -3.32
N GLN B 90 5.16 -4.31 -3.94
CA GLN B 90 5.19 -5.75 -3.60
C GLN B 90 6.12 -6.54 -4.54
N ASN B 91 6.47 -5.90 -5.67
CA ASN B 91 7.37 -6.49 -6.66
C ASN B 91 8.77 -6.46 -6.06
N GLN B 92 9.00 -5.45 -5.23
CA GLN B 92 10.27 -5.28 -4.54
C GLN B 92 10.47 -6.40 -3.52
N GLN B 93 9.43 -7.20 -3.30
CA GLN B 93 9.52 -8.32 -2.37
C GLN B 93 10.28 -9.45 -3.08
N SER B 94 10.33 -9.37 -4.41
CA SER B 94 11.06 -10.33 -5.23
C SER B 94 12.47 -9.76 -5.42
N LEU B 95 12.54 -8.49 -5.81
CA LEU B 95 13.81 -7.79 -6.04
C LEU B 95 14.65 -7.77 -4.75
N ASP B 96 14.03 -7.37 -3.64
CA ASP B 96 14.72 -7.27 -2.34
C ASP B 96 14.89 -8.54 -1.50
N MET B 97 13.91 -9.43 -1.49
CA MET B 97 14.05 -10.67 -0.72
C MET B 97 15.15 -11.55 -1.30
N ARG B 98 15.48 -11.32 -2.57
CA ARG B 98 16.54 -12.08 -3.25
C ARG B 98 17.91 -11.44 -2.93
N LYS B 99 18.04 -10.14 -3.18
CA LYS B 99 19.30 -9.45 -2.90
C LYS B 99 19.70 -9.61 -1.44
N LEU B 100 18.73 -9.63 -0.53
CA LEU B 100 19.04 -9.81 0.88
C LEU B 100 19.14 -11.30 1.18
N GLY B 101 18.33 -12.11 0.51
CA GLY B 101 18.38 -13.54 0.74
C GLY B 101 19.67 -14.20 0.28
N GLU B 102 20.16 -13.79 -0.90
CA GLU B 102 21.38 -14.33 -1.47
C GLU B 102 22.61 -13.78 -0.77
N LEU B 103 22.50 -12.58 -0.21
CA LEU B 103 23.61 -11.93 0.48
C LEU B 103 23.88 -12.56 1.84
N GLU B 104 22.82 -12.96 2.53
CA GLU B 104 22.95 -13.58 3.86
C GLU B 104 23.50 -15.00 3.71
N ALA B 105 23.49 -15.51 2.47
CA ALA B 105 23.99 -16.83 2.14
C ALA B 105 25.43 -16.82 1.59
N ASP B 106 25.74 -15.84 0.77
CA ASP B 106 27.07 -15.69 0.15
C ASP B 106 28.10 -15.00 1.05
N LEU B 107 27.64 -14.46 2.18
CA LEU B 107 28.51 -13.79 3.13
C LEU B 107 28.68 -14.65 4.37
N LYS B 108 27.70 -15.48 4.64
CA LYS B 108 27.76 -16.38 5.78
C LYS B 108 28.77 -17.44 5.37
N GLU B 109 28.80 -17.73 4.07
CA GLU B 109 29.71 -18.70 3.48
C GLU B 109 31.15 -18.18 3.46
N LYS B 110 31.36 -17.04 2.78
CA LYS B 110 32.68 -16.44 2.69
C LYS B 110 33.26 -16.22 4.08
N ASP B 111 32.44 -16.43 5.11
CA ASP B 111 32.88 -16.29 6.49
C ASP B 111 33.44 -17.63 6.99
N SER B 112 33.03 -18.73 6.37
CA SER B 112 33.54 -20.06 6.70
C SER B 112 34.95 -20.18 6.12
N MET B 113 35.16 -19.50 4.98
CA MET B 113 36.45 -19.47 4.31
C MET B 113 37.47 -18.94 5.30
N VAL B 114 37.33 -17.67 5.66
CA VAL B 114 38.23 -17.04 6.61
C VAL B 114 38.44 -17.96 7.82
N GLU B 115 37.47 -18.80 8.11
CA GLU B 115 37.60 -19.72 9.24
C GLU B 115 38.42 -20.95 8.86
N SER B 116 38.26 -21.43 7.63
CA SER B 116 39.01 -22.59 7.16
C SER B 116 40.44 -22.18 6.85
N LEU B 117 40.60 -20.95 6.34
CA LEU B 117 41.91 -20.43 6.02
C LEU B 117 42.77 -20.19 7.25
N THR B 118 42.25 -19.45 8.23
CA THR B 118 43.04 -19.20 9.43
C THR B 118 43.42 -20.50 10.18
N GLU B 119 42.74 -21.59 9.84
CA GLU B 119 43.01 -22.91 10.44
C GLU B 119 44.31 -23.45 9.88
N THR B 120 44.55 -23.15 8.61
CA THR B 120 45.74 -23.58 7.90
C THR B 120 46.92 -22.64 8.19
N ILE B 121 46.65 -21.36 8.36
CA ILE B 121 47.71 -20.40 8.69
C ILE B 121 48.22 -20.80 10.06
N GLY B 122 47.37 -21.50 10.81
CA GLY B 122 47.72 -21.97 12.14
C GLY B 122 48.61 -23.20 12.10
N ILE B 123 48.39 -24.04 11.09
CA ILE B 123 49.18 -25.24 10.91
C ILE B 123 50.53 -24.87 10.31
N LEU B 124 50.52 -24.13 9.19
CA LEU B 124 51.76 -23.71 8.56
C LEU B 124 52.63 -23.00 9.58
N ARG B 125 52.00 -22.39 10.57
CA ARG B 125 52.75 -21.68 11.62
C ARG B 125 53.39 -22.70 12.56
N LYS B 126 52.81 -23.89 12.61
CA LYS B 126 53.30 -24.96 13.46
C LYS B 126 54.32 -25.85 12.76
N GLU B 127 54.08 -26.19 11.49
CA GLU B 127 55.03 -27.00 10.76
C GLU B 127 56.31 -26.21 10.57
N LEU B 128 56.17 -24.90 10.38
CA LEU B 128 57.34 -24.06 10.22
C LEU B 128 57.90 -23.77 11.60
N GLU B 129 57.20 -24.25 12.63
CA GLU B 129 57.63 -24.06 14.01
C GLU B 129 58.54 -25.22 14.38
N ASN B 130 58.13 -26.42 13.99
CA ASN B 130 58.88 -27.65 14.25
C ASN B 130 60.15 -27.74 13.42
N GLU B 131 60.04 -27.39 12.14
CA GLU B 131 61.22 -27.41 11.29
C GLU B 131 62.22 -26.34 11.74
N LYS B 132 61.82 -25.54 12.71
CA LYS B 132 62.70 -24.54 13.28
C LYS B 132 63.37 -25.22 14.48
N LEU B 133 62.69 -26.22 15.03
CA LEU B 133 63.18 -26.99 16.17
C LEU B 133 64.10 -28.09 15.67
N LYS B 134 63.59 -28.93 14.78
CA LYS B 134 64.37 -30.01 14.20
C LYS B 134 65.60 -29.42 13.56
N ALA B 135 65.54 -28.14 13.24
CA ALA B 135 66.68 -27.46 12.62
C ALA B 135 67.77 -27.21 13.65
N ALA B 136 67.42 -26.47 14.71
CA ALA B 136 68.37 -26.16 15.78
C ALA B 136 68.83 -27.47 16.40
N GLU B 137 67.88 -28.37 16.59
CA GLU B 137 68.15 -29.67 17.16
C GLU B 137 69.15 -30.49 16.34
N ASN B 138 69.02 -30.44 15.02
CA ASN B 138 69.91 -31.19 14.16
C ASN B 138 71.30 -30.57 14.07
N MET B 139 71.34 -29.24 13.98
CA MET B 139 72.60 -28.52 13.89
C MET B 139 73.36 -28.77 15.18
N ASP B 140 72.65 -29.28 16.19
CA ASP B 140 73.23 -29.61 17.48
C ASP B 140 74.03 -30.90 17.33
N SER B 141 73.38 -31.92 16.78
CA SER B 141 74.02 -33.21 16.57
C SER B 141 75.26 -32.99 15.70
N PHE B 142 75.30 -31.88 14.98
CA PHE B 142 76.44 -31.56 14.11
C PHE B 142 77.66 -31.15 14.93
N GLU B 143 77.44 -30.30 15.92
CA GLU B 143 78.52 -29.84 16.78
C GLU B 143 79.17 -31.06 17.43
N LYS B 144 78.37 -31.89 18.09
CA LYS B 144 78.93 -33.09 18.72
C LYS B 144 79.84 -33.81 17.73
N LEU B 145 79.41 -33.85 16.48
CA LEU B 145 80.18 -34.53 15.43
C LEU B 145 81.38 -33.70 15.02
N SER B 146 81.19 -32.39 14.95
CA SER B 146 82.25 -31.47 14.53
C SER B 146 83.35 -31.53 15.59
N MET B 147 82.92 -31.71 16.84
CA MET B 147 83.81 -31.81 17.99
C MET B 147 84.63 -33.09 17.88
N GLU B 148 83.93 -34.22 17.90
CA GLU B 148 84.56 -35.52 17.76
C GLU B 148 85.49 -35.56 16.56
N ASN B 149 85.17 -34.78 15.55
CA ASN B 149 85.98 -34.72 14.36
C ASN B 149 87.40 -34.34 14.71
N GLU B 150 87.55 -33.33 15.57
CA GLU B 150 88.87 -32.87 15.96
C GLU B 150 89.69 -33.86 16.77
N ASN B 151 89.09 -34.40 17.82
CA ASN B 151 89.78 -35.36 18.68
C ASN B 151 90.48 -36.34 17.81
N LEU B 152 89.85 -36.62 16.67
CA LEU B 152 90.33 -37.57 15.69
C LEU B 152 91.46 -37.04 14.87
N LYS B 153 91.36 -35.77 14.49
CA LYS B 153 92.40 -35.15 13.69
C LYS B 153 93.68 -35.13 14.52
N GLU B 154 93.53 -34.87 15.82
CA GLU B 154 94.64 -34.84 16.78
C GLU B 154 95.30 -36.19 16.97
N LYS B 155 94.48 -37.15 17.39
CA LYS B 155 94.90 -38.52 17.64
C LYS B 155 95.65 -39.08 16.47
N ILE B 156 95.23 -38.67 15.28
CA ILE B 156 95.85 -39.14 14.06
C ILE B 156 97.13 -38.34 13.78
N ALA B 157 97.17 -37.07 14.21
CA ALA B 157 98.36 -36.23 14.03
C ALA B 157 99.50 -36.77 14.88
N HIS B 158 99.16 -37.19 16.10
CA HIS B 158 100.12 -37.75 17.03
C HIS B 158 100.67 -39.05 16.49
N TYR B 159 99.80 -39.87 15.90
CA TYR B 159 100.24 -41.13 15.34
C TYR B 159 101.25 -40.96 14.21
N ARG B 160 101.05 -39.95 13.38
CA ARG B 160 101.94 -39.68 12.27
C ARG B 160 103.32 -39.27 12.74
N ALA B 161 103.49 -39.11 14.04
CA ALA B 161 104.77 -38.73 14.64
C ALA B 161 105.07 -39.43 15.99
N GLN B 162 104.64 -38.74 17.05
CA GLN B 162 104.78 -39.07 18.49
C GLN B 162 104.24 -40.43 18.84
N ARG B 163 103.67 -40.51 20.05
CA ARG B 163 103.00 -41.71 20.61
C ARG B 163 103.74 -43.05 20.83
N PHE B 164 104.82 -43.05 21.61
CA PHE B 164 105.58 -44.27 21.88
C PHE B 164 104.71 -45.51 22.17
#